data_4D70
#
_entry.id   4D70
#
_cell.length_a   38.776
_cell.length_b   65.582
_cell.length_c   68.057
_cell.angle_alpha   90.00
_cell.angle_beta   93.86
_cell.angle_gamma   90.00
#
_symmetry.space_group_name_H-M   'P 1 21 1'
#
loop_
_entity.id
_entity.type
_entity.pdbx_description
1 polymer 'SORTASE FAMILY PROTEIN'
2 water water
#
_entity_poly.entity_id   1
_entity_poly.type   'polypeptide(L)'
_entity_poly.pdbx_seq_one_letter_code
;MGSSHHHHHHSSGLVPRGSHMGKLYKSSVEKKTLEEFKEKFNYSEEEKKKTLEEIKNGDGIALIDIEKIGVHTVIAEGST
LDVLENNIGHFENTAMPGENGNFSIAGHRNTINNEVFRNIDKLQVGDEIKITTLTDIFQYEINEIFVTSPSDTDVLNQNL
DEKTMTIVTCTNRGKDRYIVKAKLIG
;
_entity_poly.pdbx_strand_id   A,B
#
# COMPACT_ATOMS: atom_id res chain seq x y z
N SER A 27 -19.85 17.25 -12.61
CA SER A 27 -20.95 16.76 -13.49
C SER A 27 -22.17 17.66 -13.30
N SER A 28 -23.27 17.13 -12.80
CA SER A 28 -24.50 17.90 -12.76
C SER A 28 -24.71 18.36 -11.33
N VAL A 29 -25.09 17.42 -10.48
CA VAL A 29 -25.27 17.72 -9.07
C VAL A 29 -23.91 17.99 -8.45
N GLU A 30 -22.87 17.37 -8.98
CA GLU A 30 -21.53 17.58 -8.45
C GLU A 30 -21.15 19.06 -8.53
N LYS A 31 -21.27 19.65 -9.72
CA LYS A 31 -20.90 21.05 -9.89
C LYS A 31 -21.68 21.94 -8.92
N LYS A 32 -22.95 21.65 -8.79
CA LYS A 32 -23.79 22.44 -7.93
C LYS A 32 -23.28 22.38 -6.49
N THR A 33 -23.12 21.17 -5.98
CA THR A 33 -22.64 20.98 -4.63
C THR A 33 -21.36 21.72 -4.47
N LEU A 34 -20.53 21.61 -5.49
CA LEU A 34 -19.22 22.25 -5.49
C LEU A 34 -19.34 23.75 -5.45
N GLU A 35 -20.21 24.31 -6.27
CA GLU A 35 -20.33 25.77 -6.29
C GLU A 35 -20.98 26.31 -5.01
N GLU A 36 -21.94 25.59 -4.48
CA GLU A 36 -22.61 26.04 -3.27
C GLU A 36 -21.67 26.08 -2.09
N PHE A 37 -20.73 25.14 -2.06
CA PHE A 37 -19.83 25.08 -0.94
C PHE A 37 -18.86 26.26 -1.05
N LYS A 38 -18.27 26.44 -2.23
CA LYS A 38 -17.30 27.52 -2.45
C LYS A 38 -17.88 28.86 -2.09
N GLU A 39 -19.17 29.04 -2.38
CA GLU A 39 -19.83 30.27 -1.98
C GLU A 39 -19.74 30.48 -0.48
N LYS A 40 -19.64 29.42 0.33
CA LYS A 40 -19.64 29.64 1.78
C LYS A 40 -18.31 30.09 2.36
N PHE A 41 -17.26 30.04 1.54
CA PHE A 41 -15.99 30.62 1.96
C PHE A 41 -16.08 32.10 2.31
N ASN A 42 -17.09 32.76 1.77
CA ASN A 42 -17.30 34.19 2.02
C ASN A 42 -18.26 34.45 3.17
N TYR A 43 -18.59 33.40 3.91
CA TYR A 43 -19.45 33.55 5.07
C TYR A 43 -18.55 34.11 6.13
N SER A 44 -19.16 34.67 7.15
CA SER A 44 -18.43 35.08 8.33
C SER A 44 -18.19 33.85 9.15
N GLU A 45 -17.48 34.04 10.25
CA GLU A 45 -17.08 32.94 11.06
C GLU A 45 -18.23 32.24 11.78
N GLU A 46 -19.18 32.97 12.34
CA GLU A 46 -20.29 32.33 13.02
C GLU A 46 -21.17 31.63 11.98
N GLU A 47 -21.26 32.20 10.79
CA GLU A 47 -22.05 31.56 9.74
C GLU A 47 -21.42 30.25 9.34
N LYS A 48 -20.09 30.25 9.28
CA LYS A 48 -19.36 29.04 8.98
C LYS A 48 -19.62 28.02 10.07
N LYS A 49 -19.40 28.44 11.32
CA LYS A 49 -19.58 27.54 12.43
C LYS A 49 -20.98 27.03 12.47
N LYS A 50 -21.95 27.88 12.14
CA LYS A 50 -23.35 27.49 12.14
C LYS A 50 -23.60 26.46 11.09
N THR A 51 -22.96 26.57 9.94
CA THR A 51 -23.19 25.54 8.92
C THR A 51 -22.50 24.24 9.31
N LEU A 52 -21.49 24.30 10.16
CA LEU A 52 -20.84 23.10 10.65
C LEU A 52 -21.91 22.25 11.34
N GLU A 53 -22.53 22.78 12.37
CA GLU A 53 -23.70 22.13 12.96
C GLU A 53 -24.69 22.33 11.82
N GLU A 54 -25.81 21.63 11.77
CA GLU A 54 -26.75 21.81 10.61
C GLU A 54 -26.41 21.04 9.34
N ILE A 55 -25.20 20.47 9.25
CA ILE A 55 -24.83 19.74 8.03
C ILE A 55 -25.80 18.61 7.76
N LYS A 56 -26.24 18.44 6.52
CA LYS A 56 -27.07 17.31 6.12
C LYS A 56 -26.46 16.45 4.99
N ASN A 57 -26.89 15.20 4.90
CA ASN A 57 -26.41 14.33 3.89
C ASN A 57 -26.56 15.01 2.55
N GLY A 58 -25.49 15.02 1.75
CA GLY A 58 -25.51 15.66 0.45
C GLY A 58 -24.97 17.07 0.43
N ASP A 59 -24.88 17.74 1.59
CA ASP A 59 -24.17 19.02 1.66
C ASP A 59 -22.64 18.88 1.45
N GLY A 60 -22.04 19.82 0.73
CA GLY A 60 -20.59 19.96 0.63
C GLY A 60 -19.97 20.21 1.96
N ILE A 61 -18.86 19.50 2.28
CA ILE A 61 -18.17 19.76 3.53
C ILE A 61 -16.70 20.13 3.39
N ALA A 62 -16.12 19.87 2.22
CA ALA A 62 -14.74 20.18 1.94
C ALA A 62 -14.53 20.10 0.44
N LEU A 63 -13.47 20.72 0.01
CA LEU A 63 -12.93 20.50 -1.27
C LEU A 63 -11.80 19.48 -1.16
N ILE A 64 -11.64 18.73 -2.20
CA ILE A 64 -10.53 17.82 -2.36
C ILE A 64 -9.78 18.13 -3.64
N ASP A 65 -8.47 18.24 -3.51
CA ASP A 65 -7.57 18.39 -4.66
C ASP A 65 -6.46 17.37 -4.57
N ILE A 66 -6.31 16.57 -5.62
CA ILE A 66 -5.21 15.64 -5.78
C ILE A 66 -4.50 15.89 -7.11
N GLU A 67 -3.42 16.64 -7.01
N GLU A 67 -3.42 16.64 -7.02
CA GLU A 67 -2.74 17.15 -8.20
CA GLU A 67 -2.72 17.13 -8.20
C GLU A 67 -2.31 16.00 -9.10
C GLU A 67 -2.31 16.00 -9.10
N LYS A 68 -1.84 14.90 -8.52
CA LYS A 68 -1.23 13.82 -9.31
C LYS A 68 -2.18 13.19 -10.30
N ILE A 69 -3.48 13.24 -10.00
CA ILE A 69 -4.50 12.67 -10.88
C ILE A 69 -5.61 13.64 -11.33
N GLY A 70 -5.37 14.94 -11.19
CA GLY A 70 -6.32 15.91 -11.68
C GLY A 70 -7.64 15.91 -10.98
N VAL A 71 -7.71 15.47 -9.73
CA VAL A 71 -8.95 15.53 -9.00
C VAL A 71 -9.08 16.89 -8.31
N HIS A 72 -10.18 17.58 -8.58
CA HIS A 72 -10.45 18.92 -8.05
C HIS A 72 -11.93 18.99 -7.91
N THR A 73 -12.45 18.63 -6.75
CA THR A 73 -13.90 18.63 -6.60
C THR A 73 -14.27 18.82 -5.15
N VAL A 74 -15.46 18.34 -4.78
CA VAL A 74 -16.07 18.59 -3.51
C VAL A 74 -16.39 17.25 -2.87
N ILE A 75 -16.45 17.26 -1.54
CA ILE A 75 -16.87 16.12 -0.75
C ILE A 75 -18.18 16.41 -0.14
N ALA A 76 -19.14 15.51 -0.34
CA ALA A 76 -20.47 15.65 0.30
C ALA A 76 -20.57 14.88 1.60
N GLU A 77 -21.43 15.29 2.50
CA GLU A 77 -21.73 14.49 3.66
C GLU A 77 -22.57 13.27 3.36
N GLY A 78 -22.20 12.14 3.95
CA GLY A 78 -22.92 10.91 3.80
C GLY A 78 -22.32 9.93 2.86
N SER A 79 -22.68 8.67 3.04
CA SER A 79 -22.19 7.63 2.15
C SER A 79 -23.35 6.72 1.75
N THR A 80 -24.58 7.25 1.69
CA THR A 80 -25.71 6.48 1.19
C THR A 80 -25.63 6.41 -0.31
N LEU A 81 -26.44 5.52 -0.90
CA LEU A 81 -26.46 5.37 -2.36
C LEU A 81 -26.86 6.65 -3.04
N ASP A 82 -27.79 7.35 -2.43
CA ASP A 82 -28.24 8.60 -2.98
C ASP A 82 -27.14 9.64 -3.06
N VAL A 83 -26.32 9.72 -2.03
CA VAL A 83 -25.23 10.70 -2.03
C VAL A 83 -24.20 10.30 -3.08
N LEU A 84 -23.78 9.04 -2.99
CA LEU A 84 -22.70 8.55 -3.80
C LEU A 84 -23.01 8.47 -5.29
N GLU A 85 -24.28 8.55 -5.66
CA GLU A 85 -24.64 8.61 -7.05
C GLU A 85 -24.06 9.86 -7.67
N ASN A 86 -24.07 10.96 -6.93
CA ASN A 86 -23.61 12.23 -7.47
C ASN A 86 -22.30 12.77 -6.97
N ASN A 87 -21.86 12.31 -5.81
CA ASN A 87 -20.68 12.90 -5.23
C ASN A 87 -19.82 11.87 -4.54
N ILE A 88 -18.60 12.28 -4.32
CA ILE A 88 -17.73 11.63 -3.34
C ILE A 88 -18.37 11.91 -1.97
N GLY A 89 -18.40 10.95 -1.09
CA GLY A 89 -19.14 11.09 0.16
C GLY A 89 -18.32 10.83 1.39
N HIS A 90 -18.69 11.46 2.50
CA HIS A 90 -17.96 11.30 3.76
C HIS A 90 -18.71 10.27 4.59
N PHE A 91 -18.02 9.24 5.05
CA PHE A 91 -18.66 8.28 5.95
C PHE A 91 -19.03 8.96 7.26
N GLU A 92 -20.29 8.76 7.61
CA GLU A 92 -21.00 9.47 8.69
C GLU A 92 -20.29 9.52 10.04
N ASN A 93 -19.86 8.41 10.52
CA ASN A 93 -19.31 8.42 11.89
C ASN A 93 -17.79 8.53 11.92
N THR A 94 -17.20 9.10 10.87
CA THR A 94 -15.77 9.28 10.86
C THR A 94 -15.37 10.73 11.07
N ALA A 95 -14.13 10.92 11.50
CA ALA A 95 -13.60 12.24 11.74
C ALA A 95 -13.84 13.18 10.58
N MET A 96 -13.89 14.45 10.92
CA MET A 96 -13.91 15.52 9.93
C MET A 96 -12.48 15.90 9.58
N PRO A 97 -12.32 16.62 8.48
CA PRO A 97 -10.98 16.88 8.03
C PRO A 97 -10.15 17.54 9.10
N GLY A 98 -8.90 17.12 9.20
CA GLY A 98 -7.96 17.70 10.15
C GLY A 98 -8.09 17.23 11.59
N GLU A 99 -9.11 16.45 11.90
N GLU A 99 -9.12 16.45 11.89
CA GLU A 99 -9.36 16.04 13.27
CA GLU A 99 -9.38 16.04 13.27
C GLU A 99 -8.60 14.79 13.64
C GLU A 99 -8.63 14.78 13.64
N ASN A 100 -8.44 14.57 14.94
CA ASN A 100 -8.01 13.28 15.43
C ASN A 100 -8.93 12.21 14.87
N GLY A 101 -8.37 11.05 14.53
CA GLY A 101 -9.16 10.00 13.92
C GLY A 101 -8.91 9.94 12.43
N ASN A 102 -9.87 9.40 11.70
CA ASN A 102 -9.62 8.96 10.35
C ASN A 102 -10.78 9.44 9.50
N PHE A 103 -10.55 10.56 8.81
CA PHE A 103 -11.52 11.18 7.91
C PHE A 103 -11.65 10.25 6.69
N SER A 104 -12.82 9.62 6.56
CA SER A 104 -13.05 8.61 5.57
C SER A 104 -14.04 8.99 4.50
N ILE A 105 -13.67 8.72 3.26
CA ILE A 105 -14.46 9.11 2.10
C ILE A 105 -14.69 7.94 1.19
N ALA A 106 -15.84 7.95 0.53
CA ALA A 106 -16.26 6.82 -0.35
C ALA A 106 -16.33 7.34 -1.75
N GLY A 107 -15.71 6.62 -2.64
CA GLY A 107 -15.61 7.01 -4.02
C GLY A 107 -16.17 5.98 -4.97
N HIS A 108 -17.15 5.25 -4.49
CA HIS A 108 -17.82 4.26 -5.32
C HIS A 108 -19.23 4.17 -4.84
N ARG A 109 -20.11 3.69 -5.73
CA ARG A 109 -21.50 3.38 -5.38
C ARG A 109 -21.74 1.94 -5.78
N ASN A 110 -21.99 1.09 -4.80
CA ASN A 110 -22.03 -0.35 -5.01
C ASN A 110 -20.74 -0.76 -5.70
N THR A 111 -20.79 -1.43 -6.83
CA THR A 111 -19.56 -1.87 -7.50
C THR A 111 -19.01 -0.89 -8.56
N ILE A 112 -19.49 0.34 -8.57
CA ILE A 112 -19.06 1.30 -9.59
C ILE A 112 -18.36 2.53 -8.98
N ASN A 113 -17.10 2.69 -9.37
CA ASN A 113 -16.28 3.82 -8.91
C ASN A 113 -16.78 5.09 -9.53
N ASN A 114 -16.79 6.15 -8.74
CA ASN A 114 -17.02 7.47 -9.29
C ASN A 114 -15.93 7.74 -10.30
N GLU A 115 -16.34 8.24 -11.47
CA GLU A 115 -15.40 8.38 -12.53
C GLU A 115 -14.30 9.33 -12.06
N VAL A 116 -14.57 10.19 -11.07
CA VAL A 116 -13.54 11.11 -10.57
C VAL A 116 -12.32 10.36 -10.04
N PHE A 117 -12.51 9.13 -9.55
CA PHE A 117 -11.40 8.27 -9.12
C PHE A 117 -10.97 7.21 -10.12
N ARG A 118 -11.31 7.41 -11.39
CA ARG A 118 -10.94 6.41 -12.37
C ARG A 118 -9.42 6.17 -12.36
N ASN A 119 -8.62 7.21 -12.10
CA ASN A 119 -7.16 7.06 -12.04
C ASN A 119 -6.52 6.97 -10.66
N ILE A 120 -7.30 6.57 -9.69
CA ILE A 120 -6.75 6.50 -8.34
C ILE A 120 -5.56 5.52 -8.20
N ASP A 121 -5.51 4.50 -9.05
CA ASP A 121 -4.41 3.51 -9.04
C ASP A 121 -3.03 4.17 -9.37
N LYS A 122 -3.02 5.38 -9.90
CA LYS A 122 -1.78 6.07 -10.13
C LYS A 122 -1.20 6.73 -8.90
N LEU A 123 -1.99 6.88 -7.85
CA LEU A 123 -1.46 7.48 -6.66
C LEU A 123 -0.43 6.55 -6.00
N GLN A 124 0.58 7.13 -5.37
CA GLN A 124 1.60 6.41 -4.73
C GLN A 124 1.82 6.90 -3.37
N VAL A 125 2.52 6.09 -2.58
CA VAL A 125 2.92 6.51 -1.24
C VAL A 125 3.76 7.80 -1.38
N GLY A 126 3.46 8.81 -0.59
CA GLY A 126 4.16 10.10 -0.71
C GLY A 126 3.42 11.16 -1.51
N ASP A 127 2.39 10.78 -2.27
CA ASP A 127 1.59 11.77 -2.97
C ASP A 127 0.71 12.46 -1.99
N GLU A 128 0.38 13.68 -2.32
CA GLU A 128 -0.39 14.54 -1.43
C GLU A 128 -1.88 14.63 -1.82
N ILE A 129 -2.73 14.74 -0.78
CA ILE A 129 -4.13 14.96 -0.89
C ILE A 129 -4.45 16.21 -0.06
N LYS A 130 -4.95 17.21 -0.72
CA LYS A 130 -5.31 18.47 -0.07
C LYS A 130 -6.81 18.58 0.19
N ILE A 131 -7.17 18.86 1.42
CA ILE A 131 -8.54 18.91 1.87
C ILE A 131 -8.77 20.29 2.48
N THR A 132 -9.70 21.03 1.87
CA THR A 132 -9.99 22.44 2.28
C THR A 132 -11.36 22.55 2.83
N THR A 133 -11.44 22.89 4.12
CA THR A 133 -12.73 23.13 4.72
C THR A 133 -13.03 24.65 4.63
N LEU A 134 -14.08 25.09 5.28
CA LEU A 134 -14.37 26.52 5.28
C LEU A 134 -13.39 27.33 6.10
N THR A 135 -12.62 26.68 6.94
CA THR A 135 -11.72 27.38 7.80
C THR A 135 -10.25 27.03 7.65
N ASP A 136 -9.91 25.93 7.01
CA ASP A 136 -8.50 25.49 6.96
C ASP A 136 -8.16 24.69 5.70
N ILE A 137 -6.87 24.62 5.40
CA ILE A 137 -6.31 23.75 4.34
C ILE A 137 -5.53 22.68 5.07
N PHE A 138 -5.89 21.43 4.84
CA PHE A 138 -5.21 20.28 5.43
C PHE A 138 -4.48 19.48 4.36
N GLN A 139 -3.19 19.21 4.59
N GLN A 139 -3.18 19.23 4.56
CA GLN A 139 -2.42 18.44 3.63
CA GLN A 139 -2.39 18.46 3.60
C GLN A 139 -2.17 17.06 4.19
C GLN A 139 -2.18 17.07 4.18
N TYR A 140 -2.65 16.04 3.50
CA TYR A 140 -2.40 14.64 3.89
C TYR A 140 -1.46 13.97 2.90
N GLU A 141 -0.61 13.12 3.43
CA GLU A 141 0.35 12.40 2.66
C GLU A 141 0.06 10.89 2.72
N ILE A 142 -0.10 10.28 1.56
CA ILE A 142 -0.38 8.87 1.44
C ILE A 142 0.71 8.02 1.98
N ASN A 143 0.33 7.15 2.90
CA ASN A 143 1.34 6.28 3.49
C ASN A 143 0.98 4.79 3.47
N GLU A 144 -0.16 4.45 2.92
CA GLU A 144 -0.60 3.07 2.83
C GLU A 144 -1.60 2.92 1.70
N ILE A 145 -1.42 1.87 0.90
CA ILE A 145 -2.32 1.47 -0.17
C ILE A 145 -2.53 -0.02 -0.10
N PHE A 146 -3.78 -0.45 -0.07
CA PHE A 146 -4.02 -1.88 -0.02
C PHE A 146 -5.39 -2.27 -0.54
N VAL A 147 -5.53 -3.57 -0.79
CA VAL A 147 -6.79 -4.12 -1.30
C VAL A 147 -7.36 -4.99 -0.20
N THR A 148 -8.65 -4.95 -0.01
CA THR A 148 -9.31 -5.68 1.03
C THR A 148 -10.70 -6.08 0.56
N SER A 149 -11.45 -6.76 1.43
CA SER A 149 -12.83 -7.12 1.08
C SER A 149 -13.83 -6.04 1.36
N PRO A 150 -15.01 -6.18 0.72
CA PRO A 150 -16.12 -5.28 1.04
C PRO A 150 -16.64 -5.43 2.46
N SER A 151 -16.32 -6.50 3.16
CA SER A 151 -16.77 -6.67 4.53
C SER A 151 -15.74 -6.13 5.56
N ASP A 152 -14.58 -5.64 5.10
CA ASP A 152 -13.54 -5.15 6.02
C ASP A 152 -13.90 -3.73 6.47
N THR A 153 -14.63 -3.70 7.55
CA THR A 153 -15.11 -2.48 8.16
C THR A 153 -13.98 -1.74 8.95
N ASP A 154 -12.88 -2.44 9.27
CA ASP A 154 -11.75 -1.85 10.06
C ASP A 154 -11.10 -0.65 9.33
N VAL A 155 -11.28 -0.54 8.02
CA VAL A 155 -10.66 0.57 7.29
C VAL A 155 -11.24 1.89 7.73
N LEU A 156 -12.45 1.84 8.32
CA LEU A 156 -13.09 3.02 8.85
C LEU A 156 -12.81 3.27 10.35
N ASN A 157 -11.98 2.45 10.95
CA ASN A 157 -11.69 2.65 12.38
C ASN A 157 -11.10 4.04 12.66
N GLN A 158 -11.41 4.55 13.85
CA GLN A 158 -11.00 5.85 14.34
C GLN A 158 -9.97 5.72 15.45
N ASN A 159 -8.71 5.90 15.10
CA ASN A 159 -7.61 5.99 16.05
C ASN A 159 -7.35 7.46 16.35
N LEU A 160 -7.81 7.89 17.54
CA LEU A 160 -7.68 9.28 17.94
C LEU A 160 -6.28 9.69 18.34
N ASP A 161 -5.33 8.76 18.40
CA ASP A 161 -3.91 9.09 18.59
C ASP A 161 -3.29 9.65 17.31
N GLU A 162 -3.95 9.51 16.14
CA GLU A 162 -3.39 10.08 14.91
C GLU A 162 -4.40 10.90 14.14
N LYS A 163 -3.96 11.58 13.06
CA LYS A 163 -4.84 12.36 12.23
C LYS A 163 -4.61 11.84 10.84
N THR A 164 -5.56 11.06 10.32
CA THR A 164 -5.41 10.34 9.08
C THR A 164 -6.65 10.44 8.28
N MET A 165 -6.55 9.96 7.04
CA MET A 165 -7.69 9.93 6.17
C MET A 165 -7.65 8.70 5.33
N THR A 166 -8.81 8.37 4.74
CA THR A 166 -9.00 7.10 4.02
C THR A 166 -9.89 7.35 2.83
N ILE A 167 -9.51 6.80 1.69
CA ILE A 167 -10.37 6.80 0.48
C ILE A 167 -10.69 5.38 0.13
N VAL A 168 -11.95 5.07 0.00
CA VAL A 168 -12.41 3.74 -0.36
C VAL A 168 -13.05 3.73 -1.75
N THR A 169 -12.52 2.92 -2.65
CA THR A 169 -13.08 2.69 -3.99
C THR A 169 -13.10 1.20 -4.22
N CYS A 170 -13.52 0.76 -5.41
CA CYS A 170 -13.53 -0.66 -5.76
C CYS A 170 -12.38 -1.04 -6.68
N THR A 171 -12.07 -2.32 -6.69
CA THR A 171 -11.14 -2.87 -7.64
C THR A 171 -11.48 -4.34 -7.88
N ASN A 172 -10.81 -4.89 -8.86
CA ASN A 172 -10.98 -6.27 -9.25
C ASN A 172 -12.46 -6.53 -9.66
N ARG A 173 -12.89 -5.80 -10.69
CA ARG A 173 -14.20 -5.99 -11.27
C ARG A 173 -15.24 -5.86 -10.16
N GLY A 174 -15.04 -4.87 -9.28
CA GLY A 174 -16.05 -4.59 -8.24
C GLY A 174 -16.07 -5.54 -7.06
N LYS A 175 -15.22 -6.56 -7.07
CA LYS A 175 -15.26 -7.56 -6.01
C LYS A 175 -14.54 -7.12 -4.74
N ASP A 176 -13.52 -6.29 -4.90
CA ASP A 176 -12.67 -5.95 -3.74
C ASP A 176 -12.71 -4.44 -3.57
N ARG A 177 -12.14 -4.00 -2.47
CA ARG A 177 -12.05 -2.59 -2.14
C ARG A 177 -10.63 -2.13 -2.19
N TYR A 178 -10.42 -0.99 -2.81
CA TYR A 178 -9.09 -0.42 -2.95
C TYR A 178 -9.06 0.73 -1.94
N ILE A 179 -8.09 0.68 -1.06
CA ILE A 179 -7.95 1.59 0.09
C ILE A 179 -6.69 2.44 -0.03
N VAL A 180 -6.84 3.74 0.10
CA VAL A 180 -5.75 4.67 0.19
C VAL A 180 -5.85 5.36 1.54
N LYS A 181 -4.78 5.29 2.31
CA LYS A 181 -4.68 5.98 3.60
C LYS A 181 -3.57 7.00 3.56
N ALA A 182 -3.74 8.05 4.33
CA ALA A 182 -2.83 9.18 4.28
C ALA A 182 -2.84 9.80 5.70
N LYS A 183 -1.70 10.36 6.08
CA LYS A 183 -1.52 10.98 7.37
C LYS A 183 -1.40 12.50 7.20
N LEU A 184 -1.92 13.23 8.15
CA LEU A 184 -1.87 14.69 8.08
C LEU A 184 -0.44 15.17 8.20
N ILE A 185 0.01 16.02 7.31
CA ILE A 185 1.41 16.54 7.42
C ILE A 185 1.46 18.05 7.61
N GLY A 186 0.34 18.74 7.53
CA GLY A 186 0.38 20.24 7.52
C GLY A 186 -0.98 20.88 7.23
N SER B 27 26.83 -7.76 -7.03
CA SER B 27 28.18 -7.78 -7.68
C SER B 27 28.72 -9.20 -7.91
N SER B 28 30.04 -9.38 -7.74
CA SER B 28 30.67 -10.65 -8.04
C SER B 28 29.99 -11.76 -7.25
N VAL B 29 29.82 -11.51 -5.96
CA VAL B 29 29.23 -12.48 -5.07
C VAL B 29 27.77 -12.73 -5.42
N GLU B 30 27.05 -11.66 -5.75
CA GLU B 30 25.67 -11.83 -6.17
C GLU B 30 25.65 -12.78 -7.38
N LYS B 31 26.47 -12.49 -8.38
CA LYS B 31 26.49 -13.30 -9.60
C LYS B 31 26.81 -14.75 -9.29
N LYS B 32 27.77 -14.94 -8.41
CA LYS B 32 28.16 -16.28 -8.03
C LYS B 32 27.04 -17.09 -7.36
N THR B 33 26.41 -16.45 -6.38
CA THR B 33 25.26 -17.01 -5.70
C THR B 33 24.18 -17.37 -6.71
N LEU B 34 23.93 -16.44 -7.61
CA LEU B 34 22.95 -16.64 -8.67
C LEU B 34 23.31 -17.87 -9.53
N GLU B 35 24.56 -17.94 -9.99
CA GLU B 35 24.94 -19.02 -10.94
C GLU B 35 24.98 -20.38 -10.24
N GLU B 36 25.41 -20.42 -8.99
CA GLU B 36 25.46 -21.68 -8.25
C GLU B 36 24.08 -22.23 -7.96
N PHE B 37 23.10 -21.32 -7.78
CA PHE B 37 21.75 -21.76 -7.55
C PHE B 37 21.24 -22.36 -8.87
N LYS B 38 21.41 -21.62 -9.94
CA LYS B 38 20.94 -22.11 -11.23
C LYS B 38 21.62 -23.44 -11.67
N GLU B 39 22.88 -23.63 -11.26
CA GLU B 39 23.56 -24.90 -11.49
C GLU B 39 22.77 -26.08 -10.98
N LYS B 40 22.00 -25.90 -9.91
CA LYS B 40 21.27 -27.03 -9.37
C LYS B 40 19.98 -27.34 -10.10
N PHE B 41 19.53 -26.46 -11.01
CA PHE B 41 18.34 -26.76 -11.80
C PHE B 41 18.40 -28.14 -12.50
N ASN B 42 19.62 -28.61 -12.67
CA ASN B 42 19.93 -29.90 -13.26
C ASN B 42 19.63 -31.19 -12.50
N TYR B 43 19.59 -31.10 -11.19
CA TYR B 43 19.47 -32.27 -10.35
C TYR B 43 18.14 -32.99 -10.52
N SER B 44 18.07 -34.24 -10.06
CA SER B 44 16.80 -34.96 -10.04
C SER B 44 15.93 -34.42 -8.89
N GLU B 45 14.64 -34.51 -9.04
N GLU B 45 14.62 -34.49 -9.03
CA GLU B 45 13.87 -33.85 -8.03
CA GLU B 45 13.82 -33.92 -7.96
C GLU B 45 14.29 -34.33 -6.59
C GLU B 45 14.33 -34.33 -6.58
N GLU B 46 14.74 -35.58 -6.49
CA GLU B 46 15.21 -36.13 -5.21
C GLU B 46 16.43 -35.38 -4.62
N GLU B 47 17.46 -35.10 -5.39
CA GLU B 47 18.63 -34.37 -4.87
C GLU B 47 18.24 -32.91 -4.54
N LYS B 48 17.32 -32.35 -5.31
CA LYS B 48 16.83 -31.01 -5.04
C LYS B 48 16.12 -30.98 -3.67
N LYS B 49 15.23 -31.94 -3.42
CA LYS B 49 14.55 -32.02 -2.12
C LYS B 49 15.58 -32.17 -0.99
N LYS B 50 16.66 -32.87 -1.32
CA LYS B 50 17.77 -33.06 -0.42
C LYS B 50 18.51 -31.79 -0.13
N THR B 51 18.60 -30.93 -1.12
CA THR B 51 19.36 -29.67 -1.03
C THR B 51 18.75 -28.71 -0.02
N LEU B 52 17.43 -28.76 0.11
CA LEU B 52 16.70 -27.91 1.05
C LEU B 52 17.07 -28.26 2.49
N GLU B 53 17.25 -29.54 2.76
CA GLU B 53 17.57 -29.98 4.10
C GLU B 53 18.84 -29.25 4.53
N GLU B 54 19.77 -29.02 3.60
CA GLU B 54 21.10 -28.57 3.98
C GLU B 54 21.53 -27.18 3.56
N ILE B 55 20.61 -26.23 3.67
CA ILE B 55 20.90 -24.80 3.40
C ILE B 55 21.62 -24.05 4.51
N LYS B 56 22.61 -23.24 4.14
CA LYS B 56 23.25 -22.34 5.08
C LYS B 56 23.12 -20.86 4.68
N ASN B 57 23.32 -19.96 5.63
CA ASN B 57 23.27 -18.55 5.31
C ASN B 57 24.16 -18.25 4.13
N GLY B 58 23.67 -17.43 3.20
CA GLY B 58 24.44 -17.06 2.01
C GLY B 58 24.23 -17.94 0.84
N ASP B 59 23.69 -19.13 1.02
CA ASP B 59 23.29 -19.93 -0.11
C ASP B 59 22.06 -19.32 -0.83
N GLY B 60 22.04 -19.39 -2.16
CA GLY B 60 20.85 -19.09 -2.95
C GLY B 60 19.70 -20.00 -2.64
N ILE B 61 18.49 -19.46 -2.44
CA ILE B 61 17.32 -20.28 -2.19
C ILE B 61 16.21 -20.12 -3.21
N ALA B 62 16.25 -19.03 -3.98
CA ALA B 62 15.25 -18.76 -5.01
C ALA B 62 15.80 -17.68 -5.91
N LEU B 63 15.23 -17.61 -7.11
CA LEU B 63 15.39 -16.48 -7.95
C LEU B 63 14.18 -15.55 -7.71
N ILE B 64 14.40 -14.27 -7.96
CA ILE B 64 13.33 -13.29 -7.92
C ILE B 64 13.33 -12.49 -9.20
N ASP B 65 12.18 -12.45 -9.88
CA ASP B 65 12.02 -11.66 -11.04
C ASP B 65 10.87 -10.75 -10.79
N ILE B 66 11.10 -9.46 -11.00
CA ILE B 66 10.01 -8.48 -10.95
C ILE B 66 10.07 -7.63 -12.23
N GLU B 67 9.23 -8.00 -13.19
CA GLU B 67 9.31 -7.45 -14.58
C GLU B 67 9.14 -5.96 -14.61
N LYS B 68 8.28 -5.44 -13.74
CA LYS B 68 7.94 -4.04 -13.78
C LYS B 68 9.12 -3.12 -13.47
N ILE B 69 10.09 -3.61 -12.72
CA ILE B 69 11.23 -2.80 -12.32
C ILE B 69 12.60 -3.43 -12.68
N GLY B 70 12.60 -4.37 -13.59
CA GLY B 70 13.82 -4.97 -14.08
C GLY B 70 14.61 -5.73 -13.04
N VAL B 71 13.98 -6.27 -12.02
CA VAL B 71 14.72 -7.05 -11.03
C VAL B 71 14.76 -8.49 -11.46
N HIS B 72 15.97 -9.06 -11.55
CA HIS B 72 16.20 -10.42 -12.01
C HIS B 72 17.42 -10.92 -11.27
N THR B 73 17.23 -11.46 -10.07
CA THR B 73 18.39 -11.86 -9.30
C THR B 73 18.06 -13.04 -8.43
N VAL B 74 18.81 -13.18 -7.37
CA VAL B 74 18.76 -14.37 -6.50
C VAL B 74 18.51 -13.88 -5.06
N ILE B 75 17.87 -14.76 -4.27
CA ILE B 75 17.66 -14.49 -2.86
C ILE B 75 18.54 -15.44 -2.08
N ALA B 76 19.32 -14.89 -1.15
CA ALA B 76 20.20 -15.72 -0.31
C ALA B 76 19.53 -16.00 1.01
N GLU B 77 19.89 -17.11 1.63
CA GLU B 77 19.43 -17.38 2.99
C GLU B 77 20.08 -16.46 4.03
N GLY B 78 19.30 -15.89 4.95
CA GLY B 78 19.81 -15.11 6.05
C GLY B 78 19.65 -13.64 5.86
N SER B 79 19.66 -12.93 6.96
CA SER B 79 19.52 -11.49 6.94
C SER B 79 20.58 -10.84 7.82
N THR B 80 21.72 -11.50 8.00
CA THR B 80 22.83 -10.92 8.72
C THR B 80 23.51 -9.92 7.84
N LEU B 81 24.36 -9.10 8.43
CA LEU B 81 25.07 -8.07 7.68
C LEU B 81 25.94 -8.68 6.65
N ASP B 82 26.53 -9.81 6.99
CA ASP B 82 27.38 -10.50 6.06
C ASP B 82 26.65 -10.97 4.81
N VAL B 83 25.43 -11.44 4.98
CA VAL B 83 24.64 -11.85 3.81
C VAL B 83 24.27 -10.62 3.04
N LEU B 84 23.66 -9.67 3.72
CA LEU B 84 23.09 -8.53 3.07
C LEU B 84 24.09 -7.64 2.35
N GLU B 85 25.37 -7.82 2.66
CA GLU B 85 26.40 -7.04 1.99
C GLU B 85 26.44 -7.40 0.54
N ASN B 86 26.18 -8.66 0.25
CA ASN B 86 26.23 -9.11 -1.11
C ASN B 86 24.91 -9.43 -1.79
N ASN B 87 23.87 -9.70 -1.02
CA ASN B 87 22.61 -10.17 -1.62
C ASN B 87 21.39 -9.67 -0.88
N ILE B 88 20.27 -9.80 -1.55
CA ILE B 88 18.95 -9.72 -0.95
C ILE B 88 18.88 -10.97 -0.05
N GLY B 89 18.30 -10.85 1.13
CA GLY B 89 18.33 -11.99 2.04
C GLY B 89 16.96 -12.41 2.52
N HIS B 90 16.85 -13.65 2.99
CA HIS B 90 15.61 -14.19 3.53
C HIS B 90 15.67 -14.15 5.03
N PHE B 91 14.69 -13.53 5.66
CA PHE B 91 14.65 -13.48 7.12
C PHE B 91 14.46 -14.91 7.66
N GLU B 92 15.36 -15.28 8.55
CA GLU B 92 15.43 -16.62 9.12
C GLU B 92 14.15 -16.73 9.94
N ASN B 93 13.54 -17.90 9.93
CA ASN B 93 12.30 -18.09 10.71
C ASN B 93 11.09 -17.52 10.02
N THR B 94 11.22 -17.02 8.79
CA THR B 94 10.02 -16.83 8.00
C THR B 94 9.87 -17.94 7.01
N ALA B 95 8.66 -18.12 6.52
CA ALA B 95 8.37 -19.12 5.55
C ALA B 95 9.28 -19.08 4.33
N MET B 96 9.41 -20.24 3.71
CA MET B 96 10.10 -20.37 2.46
C MET B 96 9.15 -20.09 1.35
N PRO B 97 9.67 -19.87 0.14
CA PRO B 97 8.78 -19.56 -0.93
C PRO B 97 7.71 -20.63 -1.17
N GLY B 98 6.50 -20.16 -1.42
CA GLY B 98 5.40 -21.03 -1.67
C GLY B 98 4.78 -21.64 -0.42
N GLU B 99 5.38 -21.45 0.75
N GLU B 99 5.40 -21.48 0.74
CA GLU B 99 4.87 -22.10 1.98
CA GLU B 99 4.83 -22.17 1.92
C GLU B 99 3.81 -21.28 2.68
C GLU B 99 3.88 -21.30 2.71
N ASN B 100 3.04 -21.93 3.52
CA ASN B 100 2.20 -21.25 4.49
C ASN B 100 2.99 -20.29 5.30
N GLY B 101 2.42 -19.13 5.54
CA GLY B 101 3.11 -18.09 6.21
C GLY B 101 3.56 -16.99 5.24
N ASN B 102 4.61 -16.32 5.64
CA ASN B 102 4.96 -15.03 5.03
C ASN B 102 6.44 -15.03 4.75
N PHE B 103 6.77 -15.38 3.50
CA PHE B 103 8.11 -15.42 3.01
C PHE B 103 8.67 -14.01 2.92
N SER B 104 9.64 -13.71 3.76
CA SER B 104 10.09 -12.35 3.98
C SER B 104 11.49 -12.14 3.52
N ILE B 105 11.70 -11.04 2.75
CA ILE B 105 13.01 -10.74 2.23
C ILE B 105 13.50 -9.39 2.70
N ALA B 106 14.79 -9.27 2.94
CA ALA B 106 15.37 -7.99 3.40
C ALA B 106 16.11 -7.39 2.23
N GLY B 107 15.78 -6.15 1.89
CA GLY B 107 16.40 -5.49 0.77
C GLY B 107 17.14 -4.24 1.16
N HIS B 108 17.51 -4.17 2.44
CA HIS B 108 18.31 -3.08 2.94
C HIS B 108 19.28 -3.62 4.03
N ARG B 109 20.32 -2.85 4.29
CA ARG B 109 21.20 -3.08 5.49
C ARG B 109 21.31 -1.74 6.23
N ASN B 110 20.73 -1.72 7.42
CA ASN B 110 20.54 -0.49 8.18
C ASN B 110 19.87 0.56 7.34
N THR B 111 20.44 1.76 7.24
CA THR B 111 19.76 2.80 6.52
C THR B 111 20.02 2.75 4.98
N ILE B 112 20.69 1.70 4.50
CA ILE B 112 21.10 1.60 3.12
C ILE B 112 20.39 0.47 2.33
N ASN B 113 19.63 0.93 1.35
CA ASN B 113 18.92 0.05 0.42
C ASN B 113 19.86 -0.63 -0.55
N ASN B 114 19.59 -1.90 -0.81
CA ASN B 114 20.25 -2.65 -1.87
C ASN B 114 19.85 -1.99 -3.18
N GLU B 115 20.83 -1.74 -4.03
N GLU B 115 20.86 -1.80 -4.04
CA GLU B 115 20.57 -1.02 -5.25
CA GLU B 115 20.69 -1.12 -5.33
C GLU B 115 19.60 -1.76 -6.19
C GLU B 115 19.65 -1.78 -6.22
N VAL B 116 19.48 -3.08 -6.08
CA VAL B 116 18.54 -3.84 -6.88
C VAL B 116 17.11 -3.37 -6.65
N PHE B 117 16.83 -2.84 -5.45
CA PHE B 117 15.51 -2.24 -5.15
C PHE B 117 15.41 -0.74 -5.27
N ARG B 118 16.32 -0.14 -6.03
CA ARG B 118 16.29 1.33 -6.20
C ARG B 118 14.96 1.80 -6.76
N ASN B 119 14.28 1.02 -7.58
CA ASN B 119 13.00 1.45 -8.11
C ASN B 119 11.77 0.78 -7.48
N ILE B 120 11.92 0.26 -6.28
CA ILE B 120 10.82 -0.48 -5.66
C ILE B 120 9.56 0.40 -5.45
N ASP B 121 9.75 1.71 -5.33
CA ASP B 121 8.60 2.62 -5.18
C ASP B 121 7.76 2.72 -6.45
N LYS B 122 8.23 2.18 -7.55
CA LYS B 122 7.41 2.15 -8.75
C LYS B 122 6.43 1.00 -8.81
N LEU B 123 6.58 0.01 -7.94
CA LEU B 123 5.65 -1.09 -7.91
C LEU B 123 4.29 -0.67 -7.40
N GLN B 124 3.26 -1.33 -7.88
CA GLN B 124 1.90 -1.00 -7.53
C GLN B 124 1.18 -2.23 -7.12
N VAL B 125 0.08 -2.01 -6.42
CA VAL B 125 -0.82 -3.10 -6.09
C VAL B 125 -1.26 -3.78 -7.38
N GLY B 126 -1.22 -5.11 -7.40
CA GLY B 126 -1.54 -5.85 -8.63
C GLY B 126 -0.34 -6.28 -9.42
N ASP B 127 0.86 -5.75 -9.15
CA ASP B 127 2.05 -6.14 -9.94
C ASP B 127 2.47 -7.49 -9.40
N GLU B 128 3.16 -8.26 -10.24
CA GLU B 128 3.57 -9.61 -9.88
C GLU B 128 5.02 -9.72 -9.54
N ILE B 129 5.27 -10.57 -8.54
CA ILE B 129 6.61 -10.94 -8.13
C ILE B 129 6.72 -12.43 -8.35
N LYS B 130 7.69 -12.82 -9.17
CA LYS B 130 7.89 -14.27 -9.46
C LYS B 130 9.04 -14.82 -8.70
N ILE B 131 8.79 -15.87 -7.96
CA ILE B 131 9.79 -16.50 -7.09
C ILE B 131 9.97 -17.93 -7.60
N THR B 132 11.20 -18.25 -8.03
CA THR B 132 11.50 -19.55 -8.61
C THR B 132 12.42 -20.34 -7.71
N THR B 133 11.98 -21.53 -7.28
CA THR B 133 12.87 -22.38 -6.48
C THR B 133 13.51 -23.40 -7.44
N LEU B 134 14.20 -24.41 -6.93
CA LEU B 134 14.67 -25.47 -7.83
C LEU B 134 13.57 -26.27 -8.51
N THR B 135 12.36 -26.27 -7.94
CA THR B 135 11.31 -27.14 -8.45
C THR B 135 10.05 -26.47 -8.86
N ASP B 136 9.82 -25.26 -8.38
CA ASP B 136 8.53 -24.59 -8.62
C ASP B 136 8.66 -23.10 -8.94
N ILE B 137 7.65 -22.58 -9.62
CA ILE B 137 7.48 -21.14 -9.81
C ILE B 137 6.31 -20.73 -8.96
N PHE B 138 6.56 -19.76 -8.11
CA PHE B 138 5.50 -19.15 -7.31
C PHE B 138 5.25 -17.72 -7.73
N GLN B 139 4.00 -17.41 -8.03
CA GLN B 139 3.68 -16.09 -8.43
C GLN B 139 2.96 -15.40 -7.31
N TYR B 140 3.47 -14.25 -6.89
CA TYR B 140 2.82 -13.46 -5.90
C TYR B 140 2.34 -12.15 -6.46
N GLU B 141 1.18 -11.74 -6.01
CA GLU B 141 0.58 -10.50 -6.43
C GLU B 141 0.51 -9.48 -5.32
N ILE B 142 1.09 -8.30 -5.56
CA ILE B 142 1.19 -7.25 -4.53
C ILE B 142 -0.22 -6.81 -4.16
N ASN B 143 -0.51 -6.85 -2.87
CA ASN B 143 -1.80 -6.38 -2.41
C ASN B 143 -1.74 -5.29 -1.31
N GLU B 144 -0.55 -4.96 -0.81
CA GLU B 144 -0.40 -3.92 0.19
C GLU B 144 0.97 -3.28 0.09
N ILE B 145 0.99 -1.96 0.17
CA ILE B 145 2.16 -1.19 0.21
C ILE B 145 2.01 -0.13 1.31
N PHE B 146 3.01 -0.01 2.19
CA PHE B 146 2.92 0.96 3.26
C PHE B 146 4.26 1.29 3.87
N VAL B 147 4.26 2.38 4.67
CA VAL B 147 5.45 2.85 5.32
C VAL B 147 5.23 2.58 6.83
N THR B 148 6.23 2.09 7.52
CA THR B 148 6.15 1.81 8.92
C THR B 148 7.50 2.07 9.60
N SER B 149 7.56 1.90 10.93
CA SER B 149 8.82 2.15 11.65
C SER B 149 9.71 0.95 11.63
N PRO B 150 11.00 1.18 11.91
CA PRO B 150 11.92 0.06 12.03
C PRO B 150 11.58 -0.86 13.20
N SER B 151 10.76 -0.44 14.14
CA SER B 151 10.41 -1.29 15.27
C SER B 151 9.14 -2.08 15.03
N ASP B 152 8.51 -1.94 13.86
CA ASP B 152 7.28 -2.67 13.56
C ASP B 152 7.69 -4.06 13.08
N THR B 153 7.78 -4.97 14.04
CA THR B 153 8.21 -6.33 13.79
C THR B 153 7.07 -7.15 13.23
N ASP B 154 5.85 -6.64 13.36
CA ASP B 154 4.67 -7.40 12.92
C ASP B 154 4.66 -7.66 11.41
N VAL B 155 5.45 -6.89 10.67
CA VAL B 155 5.51 -7.11 9.23
C VAL B 155 6.06 -8.50 8.91
N LEU B 156 6.85 -9.07 9.83
CA LEU B 156 7.40 -10.40 9.66
C LEU B 156 6.54 -11.50 10.25
N ASN B 157 5.37 -11.16 10.75
CA ASN B 157 4.51 -12.20 11.32
C ASN B 157 4.15 -13.29 10.33
N GLN B 158 3.92 -14.51 10.85
CA GLN B 158 3.65 -15.69 10.07
C GLN B 158 2.22 -16.17 10.33
N ASN B 159 1.32 -15.86 9.43
CA ASN B 159 -0.01 -16.41 9.50
C ASN B 159 -0.05 -17.63 8.58
N LEU B 160 -0.08 -18.82 9.18
CA LEU B 160 -0.06 -20.05 8.44
C LEU B 160 -1.35 -20.39 7.75
N ASP B 161 -2.38 -19.61 7.94
CA ASP B 161 -3.58 -19.75 7.11
C ASP B 161 -3.46 -19.12 5.72
N GLU B 162 -2.41 -18.36 5.45
CA GLU B 162 -2.25 -17.79 4.13
C GLU B 162 -0.87 -18.09 3.59
N LYS B 163 -0.62 -17.74 2.33
CA LYS B 163 0.69 -17.86 1.71
C LYS B 163 1.00 -16.49 1.11
N THR B 164 1.88 -15.73 1.76
CA THR B 164 2.17 -14.35 1.40
C THR B 164 3.66 -14.16 1.37
N MET B 165 4.07 -12.99 0.90
CA MET B 165 5.45 -12.60 0.99
C MET B 165 5.55 -11.13 1.37
N THR B 166 6.73 -10.76 1.78
CA THR B 166 7.04 -9.41 2.24
C THR B 166 8.40 -8.99 1.77
N ILE B 167 8.52 -7.75 1.25
N ILE B 167 8.52 -7.79 1.14
CA ILE B 167 9.80 -7.15 0.97
CA ILE B 167 9.82 -7.18 0.97
C ILE B 167 9.98 -5.94 1.88
C ILE B 167 9.99 -5.94 1.87
N VAL B 168 11.09 -5.89 2.61
CA VAL B 168 11.38 -4.76 3.52
C VAL B 168 12.56 -3.98 2.96
N THR B 169 12.36 -2.68 2.73
CA THR B 169 13.41 -1.73 2.36
C THR B 169 13.28 -0.49 3.25
N CYS B 170 14.17 0.49 3.07
N CYS B 170 14.18 0.47 3.11
CA CYS B 170 14.13 1.76 3.79
CA CYS B 170 14.07 1.70 3.90
C CYS B 170 13.50 2.87 2.99
C CYS B 170 13.62 2.89 3.04
N THR B 171 12.99 3.85 3.69
CA THR B 171 12.52 5.08 3.05
C THR B 171 12.63 6.23 4.04
N ASN B 172 12.46 7.43 3.50
CA ASN B 172 12.51 8.65 4.32
C ASN B 172 13.88 8.82 4.96
N ARG B 173 14.88 8.89 4.11
CA ARG B 173 16.25 9.14 4.54
C ARG B 173 16.69 8.07 5.53
N GLY B 174 16.25 6.85 5.29
CA GLY B 174 16.65 5.75 6.16
C GLY B 174 15.88 5.62 7.42
N LYS B 175 14.96 6.55 7.70
CA LYS B 175 14.28 6.54 9.00
C LYS B 175 13.16 5.53 9.14
N ASP B 176 12.49 5.23 8.04
CA ASP B 176 11.33 4.42 8.07
C ASP B 176 11.56 3.18 7.20
N ARG B 177 10.59 2.30 7.23
CA ARG B 177 10.63 1.06 6.41
C ARG B 177 9.52 1.09 5.40
N TYR B 178 9.86 0.72 4.16
CA TYR B 178 8.91 0.61 3.09
C TYR B 178 8.62 -0.87 2.92
N ILE B 179 7.35 -1.23 3.00
CA ILE B 179 6.89 -2.58 3.03
C ILE B 179 6.00 -2.86 1.81
N VAL B 180 6.34 -3.94 1.11
CA VAL B 180 5.57 -4.45 0.00
C VAL B 180 5.18 -5.88 0.34
N LYS B 181 3.89 -6.15 0.36
CA LYS B 181 3.33 -7.44 0.66
C LYS B 181 2.54 -7.95 -0.51
N ALA B 182 2.57 -9.26 -0.68
CA ALA B 182 2.00 -9.85 -1.87
C ALA B 182 1.44 -11.22 -1.44
N LYS B 183 0.37 -11.64 -2.10
CA LYS B 183 -0.31 -12.93 -1.79
C LYS B 183 -0.01 -13.91 -2.92
N LEU B 184 0.17 -15.19 -2.59
CA LEU B 184 0.43 -16.18 -3.60
C LEU B 184 -0.79 -16.32 -4.50
N ILE B 185 -0.60 -16.36 -5.80
CA ILE B 185 -1.63 -16.59 -6.74
C ILE B 185 -1.68 -18.10 -6.98
N GLY B 186 -2.86 -18.65 -6.85
CA GLY B 186 -3.03 -20.12 -7.05
C GLY B 186 -4.42 -20.58 -6.63
#